data_5CFU
#
_entry.id   5CFU
#
_cell.length_a   46.090
_cell.length_b   41.910
_cell.length_c   47.130
_cell.angle_alpha   90.000
_cell.angle_beta   105.080
_cell.angle_gamma   90.000
#
_symmetry.space_group_name_H-M   'P 1 21 1'
#
loop_
_entity.id
_entity.type
_entity.pdbx_description
1 polymer 'Aminoglycoside Nucleotidyltransferase (2")-Ia'
2 non-polymer 'MANGANESE (II) ION'
3 non-polymer adenylyl-2"-tobramycin
4 non-polymer 'PYROPHOSPHATE 2-'
5 non-polymer 1,4-BUTANEDIOL
6 water water
#
_entity_poly.entity_id   1
_entity_poly.type   'polypeptide(L)'
_entity_poly.pdbx_seq_one_letter_code
;LEHHHHHHMDTTQVTLIHKILAAADERNLPLWIGGGWAIDARLGRVTRKHDDIDLTFPGERRGELEAIVEMLGGRVMEEL
DYGFLAEIGDELLDCEPAWWADEAYEIAEAPQGSCPEAAEGVIAGRPVRCNSWEAIIWDYFYYADEVPPVDWPTKHIESY
RLACTSLGAEKVEVLRAAFRSRYAA
;
_entity_poly.pdbx_strand_id   A
#
# COMPACT_ATOMS: atom_id res chain seq x y z
N THR A 11 11.11 -8.63 13.30
CA THR A 11 9.83 -8.41 13.97
C THR A 11 9.55 -6.94 14.30
N THR A 12 10.55 -6.07 14.17
CA THR A 12 10.36 -4.66 14.46
C THR A 12 9.27 -4.06 13.58
N GLN A 13 9.37 -4.35 12.29
CA GLN A 13 8.41 -3.83 11.34
C GLN A 13 7.02 -4.35 11.61
N VAL A 14 6.92 -5.66 11.84
CA VAL A 14 5.61 -6.27 12.10
C VAL A 14 5.03 -5.67 13.38
N THR A 15 5.87 -5.52 14.40
CA THR A 15 5.43 -4.92 15.66
C THR A 15 4.93 -3.50 15.42
N LEU A 16 5.65 -2.74 14.61
CA LEU A 16 5.23 -1.37 14.32
C LEU A 16 3.90 -1.36 13.55
N ILE A 17 3.76 -2.21 12.55
CA ILE A 17 2.51 -2.30 11.77
C ILE A 17 1.34 -2.55 12.73
N HIS A 18 1.51 -3.51 13.61
CA HIS A 18 0.46 -3.85 14.56
C HIS A 18 0.10 -2.64 15.46
N LYS A 19 1.10 -1.92 15.95
CA LYS A 19 0.86 -0.74 16.78
C LYS A 19 0.12 0.39 16.05
N ILE A 20 0.52 0.63 14.81
CA ILE A 20 -0.11 1.65 13.99
C ILE A 20 -1.57 1.29 13.76
N LEU A 21 -1.84 0.05 13.35
CA LEU A 21 -3.19 -0.36 13.07
C LEU A 21 -4.06 -0.41 14.34
N ALA A 22 -3.47 -0.77 15.47
CA ALA A 22 -4.18 -0.76 16.75
C ALA A 22 -4.65 0.67 17.09
N ALA A 23 -3.74 1.62 16.95
CA ALA A 23 -4.08 3.03 17.21
C ALA A 23 -5.14 3.54 16.25
N ALA A 24 -5.04 3.13 14.99
CA ALA A 24 -6.07 3.48 14.01
C ALA A 24 -7.42 2.84 14.34
N ASP A 25 -7.44 1.54 14.63
CA ASP A 25 -8.68 0.84 15.00
C ASP A 25 -9.38 1.56 16.15
N GLU A 26 -8.59 2.02 17.09
CA GLU A 26 -9.11 2.70 18.27
C GLU A 26 -9.82 3.99 17.87
N ARG A 27 -9.41 4.57 16.75
CA ARG A 27 -10.01 5.81 16.24
C ARG A 27 -11.05 5.60 15.14
N ASN A 28 -11.41 4.34 14.91
CA ASN A 28 -12.24 3.93 13.76
C ASN A 28 -11.69 4.63 12.51
N LEU A 29 -10.36 4.57 12.37
CA LEU A 29 -9.66 5.13 11.21
C LEU A 29 -9.19 4.00 10.33
N PRO A 30 -9.82 3.84 9.17
CA PRO A 30 -9.35 2.77 8.29
C PRO A 30 -7.98 3.12 7.69
N LEU A 31 -7.08 2.13 7.63
CA LEU A 31 -5.79 2.30 6.96
C LEU A 31 -5.53 1.03 6.16
N TRP A 32 -5.03 1.22 4.94
CA TRP A 32 -4.71 0.10 4.06
C TRP A 32 -3.22 -0.08 3.94
N ILE A 33 -2.75 -1.26 4.27
CA ILE A 33 -1.37 -1.64 3.99
C ILE A 33 -1.20 -1.76 2.49
N GLY A 34 -0.07 -1.27 1.99
CA GLY A 34 0.21 -1.22 0.56
C GLY A 34 1.52 -1.87 0.19
N GLY A 35 1.82 -1.89 -1.11
CA GLY A 35 3.12 -2.33 -1.59
C GLY A 35 3.46 -3.73 -1.12
N GLY A 36 4.73 -3.94 -0.77
CA GLY A 36 5.22 -5.26 -0.42
C GLY A 36 4.50 -5.90 0.74
N TRP A 37 4.17 -5.14 1.76
CA TRP A 37 3.43 -5.71 2.91
C TRP A 37 1.99 -6.09 2.54
N ALA A 38 1.41 -5.41 1.56
CA ALA A 38 0.08 -5.75 1.09
C ALA A 38 0.12 -7.08 0.34
N ILE A 39 1.18 -7.28 -0.44
CA ILE A 39 1.36 -8.56 -1.10
C ILE A 39 1.44 -9.67 -0.04
N ASP A 40 2.31 -9.48 0.93
CA ASP A 40 2.52 -10.50 1.96
C ASP A 40 1.26 -10.73 2.81
N ALA A 41 0.50 -9.67 3.05
CA ALA A 41 -0.76 -9.75 3.80
C ALA A 41 -1.78 -10.59 3.04
N ARG A 42 -1.94 -10.34 1.74
CA ARG A 42 -2.92 -11.08 0.95
C ARG A 42 -2.49 -12.53 0.81
N LEU A 43 -1.19 -12.77 0.77
CA LEU A 43 -0.66 -14.14 0.70
C LEU A 43 -0.78 -14.80 2.05
N GLY A 44 -0.71 -14.00 3.10
CA GLY A 44 -0.76 -14.55 4.44
C GLY A 44 0.57 -15.15 4.83
N ARG A 45 1.64 -14.72 4.17
CA ARG A 45 2.97 -15.20 4.49
C ARG A 45 3.96 -14.07 4.25
N VAL A 46 4.98 -14.00 5.09
CA VAL A 46 6.08 -13.07 4.86
C VAL A 46 7.04 -13.68 3.83
N THR A 47 7.27 -12.97 2.73
CA THR A 47 8.04 -13.53 1.62
C THR A 47 9.47 -12.99 1.53
N ARG A 48 9.70 -11.79 2.04
CA ARG A 48 11.02 -11.20 2.02
C ARG A 48 11.10 -9.99 2.93
N LYS A 49 12.29 -9.38 2.99
CA LYS A 49 12.49 -8.14 3.72
C LYS A 49 11.90 -6.94 2.96
N HIS A 50 11.29 -6.02 3.68
CA HIS A 50 10.60 -4.87 3.11
C HIS A 50 11.32 -3.62 3.61
N ASP A 51 11.66 -2.73 2.70
CA ASP A 51 12.43 -1.54 3.04
C ASP A 51 11.61 -0.56 3.85
N ASP A 52 10.33 -0.42 3.52
CA ASP A 52 9.47 0.53 4.21
C ASP A 52 8.11 -0.10 4.52
N ILE A 53 7.25 0.68 5.16
CA ILE A 53 5.86 0.32 5.34
C ILE A 53 5.03 1.29 4.51
N ASP A 54 4.28 0.78 3.55
CA ASP A 54 3.44 1.59 2.69
C ASP A 54 2.01 1.59 3.21
N LEU A 55 1.44 2.79 3.35
CA LEU A 55 0.08 2.99 3.91
C LEU A 55 -0.78 3.86 3.01
N THR A 56 -2.07 3.54 2.95
CA THR A 56 -3.06 4.44 2.36
C THR A 56 -4.01 4.88 3.47
N PHE A 57 -4.33 6.17 3.50
CA PHE A 57 -5.16 6.72 4.57
C PHE A 57 -6.27 7.59 3.98
N PRO A 58 -7.41 7.70 4.70
CA PRO A 58 -8.41 8.67 4.23
C PRO A 58 -7.84 10.08 4.17
N GLY A 59 -7.88 10.71 3.00
CA GLY A 59 -7.23 11.99 2.81
C GLY A 59 -7.72 13.09 3.74
N GLU A 60 -9.01 13.06 4.05
CA GLU A 60 -9.61 14.08 4.89
C GLU A 60 -9.38 13.86 6.38
N ARG A 61 -8.70 12.76 6.75
CA ARG A 61 -8.39 12.47 8.15
C ARG A 61 -6.88 12.38 8.35
N ARG A 62 -6.10 13.06 7.51
CA ARG A 62 -4.65 12.99 7.58
C ARG A 62 -4.14 13.37 8.97
N GLY A 63 -4.75 14.38 9.58
CA GLY A 63 -4.35 14.82 10.91
C GLY A 63 -4.39 13.70 11.92
N GLU A 64 -5.31 12.77 11.74
CA GLU A 64 -5.43 11.64 12.68
C GLU A 64 -4.28 10.65 12.51
N LEU A 65 -3.84 10.43 11.27
CA LEU A 65 -2.68 9.57 11.04
C LEU A 65 -1.40 10.23 11.56
N GLU A 66 -1.27 11.54 11.38
CA GLU A 66 -0.09 12.25 11.86
C GLU A 66 -0.03 12.15 13.39
N ALA A 67 -1.20 12.19 14.01
CA ALA A 67 -1.32 12.11 15.46
C ALA A 67 -0.84 10.74 15.97
N ILE A 68 -1.19 9.71 15.23
CA ILE A 68 -0.77 8.36 15.55
C ILE A 68 0.73 8.28 15.45
N VAL A 69 1.29 8.81 14.36
CA VAL A 69 2.73 8.80 14.17
C VAL A 69 3.41 9.48 15.34
N GLU A 70 2.91 10.66 15.70
CA GLU A 70 3.51 11.40 16.82
C GLU A 70 3.41 10.68 18.16
N MET A 71 2.24 10.13 18.45
CA MET A 71 2.02 9.35 19.69
C MET A 71 2.98 8.18 19.81
N LEU A 72 3.36 7.60 18.67
CA LEU A 72 4.31 6.47 18.64
C LEU A 72 5.76 6.92 18.58
N GLY A 73 5.99 8.24 18.69
CA GLY A 73 7.34 8.76 18.82
C GLY A 73 8.00 9.12 17.50
N GLY A 74 7.22 9.22 16.44
CA GLY A 74 7.76 9.52 15.13
C GLY A 74 7.43 10.93 14.67
N ARG A 75 7.66 11.17 13.40
CA ARG A 75 7.50 12.50 12.82
C ARG A 75 7.29 12.44 11.32
N VAL A 76 6.61 13.44 10.78
CA VAL A 76 6.54 13.59 9.34
C VAL A 76 7.90 14.10 8.85
N MET A 77 8.44 13.46 7.83
CA MET A 77 9.80 13.74 7.37
C MET A 77 9.84 14.50 6.05
N GLU A 78 8.89 14.23 5.16
CA GLU A 78 8.91 14.78 3.79
C GLU A 78 7.51 14.86 3.23
N GLU A 79 7.24 15.91 2.46
CA GLU A 79 6.02 15.97 1.67
C GLU A 79 6.38 15.45 0.27
N LEU A 80 5.56 14.54 -0.23
CA LEU A 80 5.80 13.88 -1.51
C LEU A 80 4.76 14.33 -2.53
N ASP A 81 5.03 14.08 -3.81
CA ASP A 81 4.08 14.39 -4.88
C ASP A 81 2.74 13.70 -4.64
N TYR A 82 2.77 12.51 -4.05
CA TYR A 82 1.56 11.68 -3.90
C TYR A 82 1.11 11.50 -2.45
N GLY A 83 1.82 12.11 -1.51
CA GLY A 83 1.48 11.95 -0.11
C GLY A 83 2.57 12.47 0.81
N PHE A 84 2.94 11.67 1.81
CA PHE A 84 4.05 12.06 2.69
C PHE A 84 4.81 10.86 3.24
N LEU A 85 6.04 11.15 3.70
CA LEU A 85 6.91 10.18 4.32
C LEU A 85 7.01 10.51 5.80
N ALA A 86 6.83 9.50 6.64
CA ALA A 86 7.08 9.67 8.07
C ALA A 86 8.05 8.62 8.55
N GLU A 87 8.61 8.86 9.73
CA GLU A 87 9.57 7.94 10.32
C GLU A 87 9.14 7.65 11.75
N ILE A 88 9.25 6.39 12.13
CA ILE A 88 9.11 5.97 13.53
C ILE A 88 10.31 5.09 13.84
N GLY A 89 11.17 5.57 14.73
CA GLY A 89 12.43 4.90 14.98
C GLY A 89 13.21 4.96 13.69
N ASP A 90 13.76 3.83 13.26
CA ASP A 90 14.47 3.80 11.98
C ASP A 90 13.57 3.39 10.81
N GLU A 91 12.27 3.20 11.07
CA GLU A 91 11.35 2.67 10.05
C GLU A 91 10.61 3.77 9.31
N LEU A 92 10.58 3.65 7.99
CA LEU A 92 9.93 4.64 7.14
C LEU A 92 8.51 4.22 6.80
N LEU A 93 7.62 5.20 6.90
CA LEU A 93 6.21 5.04 6.56
C LEU A 93 5.90 5.86 5.33
N ASP A 94 5.55 5.20 4.24
CA ASP A 94 5.30 5.89 2.98
C ASP A 94 3.78 5.97 2.81
N CYS A 95 3.22 7.19 2.89
CA CYS A 95 1.77 7.36 3.10
C CYS A 95 1.11 8.10 1.97
N GLU A 96 0.05 7.51 1.42
CA GLU A 96 -0.70 8.08 0.30
C GLU A 96 -2.18 8.22 0.67
N PRO A 97 -2.78 9.39 0.39
CA PRO A 97 -4.21 9.55 0.68
C PRO A 97 -5.12 8.81 -0.30
N ALA A 98 -6.30 8.46 0.18
CA ALA A 98 -7.37 7.97 -0.66
C ALA A 98 -8.58 8.83 -0.32
N TRP A 99 -9.45 9.03 -1.31
CA TRP A 99 -10.54 9.98 -1.15
C TRP A 99 -11.89 9.32 -1.32
N TRP A 100 -12.88 9.76 -0.54
CA TRP A 100 -14.20 9.14 -0.61
C TRP A 100 -14.86 9.35 -1.97
N ALA A 101 -15.27 8.24 -2.59
CA ALA A 101 -15.93 8.25 -3.89
C ALA A 101 -17.27 7.51 -3.83
N ASP A 102 -18.20 8.10 -3.08
CA ASP A 102 -19.57 7.62 -2.93
C ASP A 102 -19.70 6.32 -2.13
N GLU A 103 -19.00 5.26 -2.51
CA GLU A 103 -19.16 3.97 -1.85
C GLU A 103 -17.88 3.34 -1.32
N ALA A 104 -16.73 3.97 -1.59
CA ALA A 104 -15.45 3.54 -1.07
C ALA A 104 -14.43 4.66 -1.20
N TYR A 105 -13.39 4.56 -0.40
CA TYR A 105 -12.19 5.35 -0.57
C TYR A 105 -11.43 4.83 -1.78
N GLU A 106 -10.88 5.76 -2.56
CA GLU A 106 -10.12 5.41 -3.74
C GLU A 106 -8.85 6.24 -3.84
N ILE A 107 -7.75 5.56 -4.14
CA ILE A 107 -6.50 6.20 -4.48
C ILE A 107 -6.68 6.94 -5.80
N ALA A 108 -6.21 8.17 -5.86
CA ALA A 108 -6.27 8.94 -7.10
C ALA A 108 -5.63 8.18 -8.28
N GLU A 109 -6.34 8.17 -9.41
CA GLU A 109 -5.90 7.60 -10.70
C GLU A 109 -5.82 6.04 -10.72
N ALA A 110 -6.19 5.42 -9.63
CA ALA A 110 -6.07 3.97 -9.49
C ALA A 110 -7.37 3.27 -9.89
N PRO A 111 -7.30 1.95 -10.12
CA PRO A 111 -8.54 1.24 -10.46
C PRO A 111 -9.52 1.22 -9.33
N GLN A 112 -10.80 1.18 -9.67
CA GLN A 112 -11.86 1.05 -8.69
C GLN A 112 -11.60 -0.16 -7.80
N GLY A 113 -11.93 -0.03 -6.52
CA GLY A 113 -11.74 -1.08 -5.55
C GLY A 113 -10.37 -1.10 -4.90
N SER A 114 -9.65 0.01 -5.01
CA SER A 114 -8.27 0.09 -4.55
C SER A 114 -8.14 -0.05 -3.03
N CYS A 115 -9.20 0.33 -2.30
CA CYS A 115 -9.22 0.33 -0.84
C CYS A 115 -10.46 -0.39 -0.32
N PRO A 116 -10.46 -1.73 -0.42
CA PRO A 116 -11.61 -2.50 -0.01
C PRO A 116 -11.92 -2.35 1.47
N GLU A 117 -13.21 -2.39 1.79
CA GLU A 117 -13.65 -2.20 3.17
C GLU A 117 -13.28 -3.37 4.08
N ALA A 118 -13.39 -4.59 3.56
CA ALA A 118 -13.06 -5.77 4.34
C ALA A 118 -11.56 -5.92 4.55
N ALA A 119 -11.19 -6.50 5.69
CA ALA A 119 -9.79 -6.88 5.93
C ALA A 119 -9.50 -8.15 5.16
N GLU A 120 -8.73 -8.03 4.08
CA GLU A 120 -8.53 -9.13 3.15
C GLU A 120 -7.14 -9.75 3.26
N GLY A 121 -6.35 -9.31 4.23
CA GLY A 121 -5.03 -9.87 4.42
C GLY A 121 -4.78 -10.17 5.88
N VAL A 122 -3.67 -10.85 6.14
CA VAL A 122 -3.27 -11.19 7.48
C VAL A 122 -1.78 -10.98 7.62
N ILE A 123 -1.38 -10.32 8.70
CA ILE A 123 0.03 -10.18 9.04
C ILE A 123 0.22 -10.72 10.46
N ALA A 124 0.90 -11.86 10.56
CA ALA A 124 1.19 -12.51 11.84
C ALA A 124 -0.10 -12.68 12.67
N GLY A 125 -1.10 -13.30 12.05
CA GLY A 125 -2.35 -13.63 12.71
C GLY A 125 -3.34 -12.47 12.80
N ARG A 126 -2.89 -11.26 12.45
CA ARG A 126 -3.76 -10.09 12.56
C ARG A 126 -4.41 -9.74 11.24
N PRO A 127 -5.75 -9.68 11.21
CA PRO A 127 -6.43 -9.27 9.98
C PRO A 127 -6.08 -7.83 9.63
N VAL A 128 -5.82 -7.54 8.36
CA VAL A 128 -5.51 -6.16 7.97
C VAL A 128 -6.23 -5.81 6.70
N ARG A 129 -6.66 -4.56 6.63
CA ARG A 129 -7.04 -3.98 5.35
C ARG A 129 -5.80 -3.78 4.51
N CYS A 130 -5.90 -4.10 3.23
CA CYS A 130 -4.78 -3.91 2.31
C CYS A 130 -5.32 -3.51 0.94
N ASN A 131 -4.53 -2.76 0.18
CA ASN A 131 -4.91 -2.41 -1.18
C ASN A 131 -5.17 -3.66 -2.01
N SER A 132 -6.02 -3.51 -3.01
CA SER A 132 -6.35 -4.62 -3.91
C SER A 132 -5.16 -5.09 -4.75
N TRP A 133 -5.21 -6.31 -5.24
CA TRP A 133 -4.21 -6.76 -6.19
C TRP A 133 -4.10 -5.81 -7.40
N GLU A 134 -5.24 -5.35 -7.90
N GLU A 134 -5.23 -5.34 -7.91
CA GLU A 134 -5.24 -4.45 -9.04
CA GLU A 134 -5.20 -4.43 -9.06
C GLU A 134 -4.50 -3.12 -8.73
C GLU A 134 -4.48 -3.13 -8.72
N ALA A 135 -4.71 -2.58 -7.53
CA ALA A 135 -4.01 -1.35 -7.12
C ALA A 135 -2.50 -1.56 -6.93
N ILE A 136 -2.15 -2.71 -6.40
CA ILE A 136 -0.76 -3.12 -6.21
C ILE A 136 -0.02 -3.21 -7.53
N ILE A 137 -0.63 -3.91 -8.50
CA ILE A 137 -0.04 -4.10 -9.79
C ILE A 137 -0.01 -2.79 -10.58
N TRP A 138 -1.04 -1.97 -10.41
CA TRP A 138 -1.11 -0.66 -11.07
C TRP A 138 0.13 0.16 -10.77
N ASP A 139 0.60 0.11 -9.53
CA ASP A 139 1.78 0.89 -9.18
C ASP A 139 3.05 0.34 -9.83
N TYR A 140 3.09 -0.95 -10.15
CA TYR A 140 4.20 -1.49 -10.96
C TYR A 140 4.17 -0.99 -12.38
N PHE A 141 2.98 -0.73 -12.92
CA PHE A 141 2.89 -0.15 -14.25
C PHE A 141 3.48 1.26 -14.27
N TYR A 142 3.11 2.07 -13.30
CA TYR A 142 3.74 3.38 -13.15
C TYR A 142 5.26 3.27 -13.04
N TYR A 143 5.69 2.33 -12.21
CA TYR A 143 7.11 2.11 -11.94
C TYR A 143 7.82 1.81 -13.26
N ALA A 144 7.20 0.97 -14.08
CA ALA A 144 7.75 0.64 -15.39
C ALA A 144 7.90 1.86 -16.31
N ASP A 145 7.03 2.85 -16.18
CA ASP A 145 7.16 4.07 -16.99
C ASP A 145 8.24 5.01 -16.46
N GLU A 146 8.29 5.15 -15.15
CA GLU A 146 9.22 6.05 -14.46
C GLU A 146 10.66 5.52 -14.47
N VAL A 147 10.79 4.20 -14.40
CA VAL A 147 12.08 3.52 -14.37
C VAL A 147 12.04 2.28 -15.25
N PRO A 148 12.90 2.20 -16.27
CA PRO A 148 12.89 1.02 -17.14
C PRO A 148 13.02 -0.26 -16.34
N PRO A 149 12.21 -1.29 -16.63
CA PRO A 149 12.25 -2.52 -15.83
C PRO A 149 13.60 -3.21 -15.72
N VAL A 150 14.44 -3.18 -16.76
CA VAL A 150 15.72 -3.88 -16.60
C VAL A 150 16.70 -3.07 -15.73
N ASP A 151 16.27 -1.90 -15.24
CA ASP A 151 17.00 -1.19 -14.20
C ASP A 151 16.36 -1.35 -12.82
N TRP A 152 15.24 -2.06 -12.74
CA TRP A 152 14.63 -2.34 -11.44
C TRP A 152 15.54 -3.20 -10.61
N PRO A 153 15.57 -2.98 -9.29
CA PRO A 153 16.18 -3.98 -8.42
C PRO A 153 15.43 -5.29 -8.54
N THR A 154 16.15 -6.39 -8.41
CA THR A 154 15.57 -7.71 -8.61
C THR A 154 14.39 -7.98 -7.65
N LYS A 155 14.43 -7.41 -6.44
CA LYS A 155 13.36 -7.67 -5.47
C LYS A 155 11.99 -7.20 -6.02
N HIS A 156 12.01 -6.24 -6.93
CA HIS A 156 10.74 -5.74 -7.48
C HIS A 156 10.32 -6.49 -8.73
N ILE A 157 11.29 -6.99 -9.47
CA ILE A 157 11.01 -7.92 -10.55
C ILE A 157 10.27 -9.14 -9.99
N GLU A 158 10.77 -9.66 -8.87
CA GLU A 158 10.21 -10.86 -8.25
C GLU A 158 8.85 -10.61 -7.59
N SER A 159 8.71 -9.48 -6.92
CA SER A 159 7.46 -9.19 -6.24
C SER A 159 6.35 -8.93 -7.26
N TYR A 160 6.69 -8.27 -8.37
CA TYR A 160 5.77 -8.10 -9.48
C TYR A 160 5.27 -9.46 -10.01
N ARG A 161 6.19 -10.39 -10.28
CA ARG A 161 5.77 -11.69 -10.80
C ARG A 161 4.84 -12.41 -9.82
N LEU A 162 5.14 -12.28 -8.54
CA LEU A 162 4.30 -12.89 -7.51
C LEU A 162 2.88 -12.30 -7.47
N ALA A 163 2.80 -10.99 -7.54
CA ALA A 163 1.49 -10.33 -7.57
C ALA A 163 0.71 -10.76 -8.82
N CYS A 164 1.40 -10.89 -9.95
CA CYS A 164 0.76 -11.28 -11.20
C CYS A 164 0.24 -12.71 -11.12
N THR A 165 1.02 -13.59 -10.49
CA THR A 165 0.58 -14.97 -10.35
C THR A 165 -0.64 -15.06 -9.44
N SER A 166 -0.71 -14.18 -8.45
CA SER A 166 -1.83 -14.17 -7.51
C SER A 166 -3.11 -13.65 -8.15
N LEU A 167 -3.01 -12.57 -8.93
CA LEU A 167 -4.17 -12.01 -9.60
C LEU A 167 -4.55 -12.86 -10.81
N GLY A 168 -3.52 -13.28 -11.55
CA GLY A 168 -3.71 -14.08 -12.74
C GLY A 168 -3.32 -13.33 -14.00
N ALA A 169 -2.56 -14.00 -14.87
CA ALA A 169 -2.01 -13.36 -16.07
C ALA A 169 -3.07 -12.79 -17.00
N GLU A 170 -4.21 -13.46 -17.10
CA GLU A 170 -5.29 -12.97 -17.96
C GLU A 170 -5.76 -11.58 -17.49
N LYS A 171 -6.00 -11.44 -16.19
CA LYS A 171 -6.43 -10.19 -15.60
C LYS A 171 -5.36 -9.10 -15.65
N VAL A 172 -4.12 -9.49 -15.41
CA VAL A 172 -3.02 -8.54 -15.50
C VAL A 172 -2.89 -7.96 -16.90
N GLU A 173 -3.01 -8.82 -17.91
CA GLU A 173 -2.92 -8.39 -19.30
C GLU A 173 -3.96 -7.33 -19.59
N VAL A 174 -5.19 -7.55 -19.13
CA VAL A 174 -6.25 -6.62 -19.40
C VAL A 174 -6.01 -5.30 -18.68
N LEU A 175 -5.57 -5.39 -17.42
CA LEU A 175 -5.28 -4.19 -16.62
C LEU A 175 -4.14 -3.36 -17.20
N ARG A 176 -3.11 -4.03 -17.69
CA ARG A 176 -2.00 -3.36 -18.32
C ARG A 176 -2.46 -2.62 -19.58
N ALA A 177 -3.36 -3.26 -20.33
CA ALA A 177 -3.88 -2.64 -21.56
C ALA A 177 -4.69 -1.38 -21.20
N ALA A 178 -5.42 -1.46 -20.10
CA ALA A 178 -6.22 -0.32 -19.63
C ALA A 178 -5.31 0.81 -19.18
N PHE A 179 -4.25 0.48 -18.46
CA PHE A 179 -3.22 1.45 -18.07
C PHE A 179 -2.61 2.15 -19.31
N ARG A 180 -2.26 1.36 -20.32
CA ARG A 180 -1.67 1.94 -21.54
C ARG A 180 -2.66 2.89 -22.19
N SER A 181 -3.93 2.49 -22.22
CA SER A 181 -4.94 3.28 -22.91
C SER A 181 -5.18 4.58 -22.17
N ARG A 182 -5.21 4.48 -20.84
CA ARG A 182 -5.41 5.64 -20.00
C ARG A 182 -4.34 6.68 -20.27
N TYR A 183 -3.10 6.24 -20.37
CA TYR A 183 -1.97 7.14 -20.54
C TYR A 183 -1.43 7.08 -21.97
N ALA A 184 -2.33 6.87 -22.93
CA ALA A 184 -1.96 6.89 -24.33
C ALA A 184 -1.85 8.32 -24.84
#